data_3VTK
#
_entry.id   3VTK
#
_cell.length_a   83.700
_cell.length_b   83.700
_cell.length_c   156.300
_cell.angle_alpha   90.00
_cell.angle_beta   90.00
_cell.angle_gamma   90.00
#
_symmetry.space_group_name_H-M   'I 41'
#
loop_
_entity.id
_entity.type
_entity.pdbx_description
1 polymer 'THYMIDINE KINASE'
2 non-polymer "ADENOSINE-5'-DIPHOSPHATE"
3 non-polymer "5-IODO-2'-DEOXYURIDINE-5'-MONOPHOSPHATE"
4 water water
#
_entity_poly.entity_id   1
_entity_poly.type   'polypeptide(L)'
_entity_poly.pdbx_seq_one_letter_code
;QQEATEVRPEQKMPTLLRVYIDGPHGMGKTTTTQLLVALGSRDDIVYVPEPMTYWRVLGASETIANIYTTQHRLDQGEIS
AGDAAVVMTSAQITMGMPYAVTDAVLAPHIGGEAGSSHAPPPALTLIFDRHPIAALLCYPAARYLMGSMTPQAVLAFVAL
IPPTLPGTNIVLGALPEDRHIDRLAKRQRPGERLDLAMLAAIRRVYGLLANTVRYLQCGGSWREDWGQLSGTAVPPQGAE
PQSNAGPRPHIGDTLFTLFRAPELLAPNGDLYNVFAWALDVLAKRLRSMHVFILDYDQSPAGCRDALLQLTSGMVQTHVT
TPGSIPTICDLARTFAREMGEAN
;
_entity_poly.pdbx_strand_id   A
#
loop_
_chem_comp.id
_chem_comp.type
_chem_comp.name
_chem_comp.formula
5IU DNA linking 5-IODO-2'-DEOXYURIDINE-5'-MONOPHOSPHATE 'C9 H12 I N2 O8 P'
ADP non-polymer ADENOSINE-5'-DIPHOSPHATE 'C10 H15 N5 O10 P2'
#
# COMPACT_ATOMS: atom_id res chain seq x y z
N MET A 13 27.86 14.14 2.30
CA MET A 13 26.76 13.13 2.38
C MET A 13 25.42 13.83 2.29
N PRO A 14 24.51 13.31 1.44
CA PRO A 14 23.18 13.90 1.30
C PRO A 14 22.09 12.94 1.78
N THR A 15 20.87 13.43 1.93
CA THR A 15 19.77 12.57 2.28
C THR A 15 18.67 12.90 1.30
N LEU A 16 17.77 11.93 1.10
CA LEU A 16 16.64 12.04 0.21
C LEU A 16 15.50 11.48 1.02
N LEU A 17 14.42 12.26 1.12
CA LEU A 17 13.26 11.85 1.89
C LEU A 17 12.23 11.21 0.99
N ARG A 18 11.79 10.00 1.34
CA ARG A 18 10.76 9.31 0.56
C ARG A 18 9.53 9.23 1.44
N VAL A 19 8.41 9.70 0.89
CA VAL A 19 7.12 9.67 1.57
C VAL A 19 6.17 8.81 0.71
N TYR A 20 5.60 7.77 1.32
CA TYR A 20 4.68 6.88 0.63
C TYR A 20 3.25 7.05 1.12
N ILE A 21 2.51 7.95 0.45
CA ILE A 21 1.11 8.24 0.76
C ILE A 21 0.17 7.13 0.31
N ASP A 22 -0.57 6.61 1.27
CA ASP A 22 -1.46 5.50 1.04
C ASP A 22 -2.75 5.51 1.83
N GLY A 23 -3.35 4.32 1.89
CA GLY A 23 -4.60 4.15 2.57
C GLY A 23 -5.56 3.75 1.47
N PRO A 24 -6.82 3.47 1.84
CA PRO A 24 -7.87 3.09 0.89
C PRO A 24 -8.20 4.15 -0.16
N HIS A 25 -8.97 3.72 -1.15
CA HIS A 25 -9.43 4.53 -2.28
C HIS A 25 -10.50 5.58 -1.95
N GLY A 26 -10.34 6.77 -2.51
CA GLY A 26 -11.28 7.85 -2.31
C GLY A 26 -11.22 8.53 -0.96
N MET A 27 -10.01 8.85 -0.52
CA MET A 27 -9.80 9.47 0.77
C MET A 27 -8.90 10.71 0.71
N GLY A 28 -9.24 11.65 -0.16
CA GLY A 28 -8.47 12.87 -0.31
C GLY A 28 -7.04 12.79 -0.84
N LYS A 29 -6.51 11.58 -0.88
CA LYS A 29 -5.15 11.30 -1.33
C LYS A 29 -4.64 12.06 -2.55
N THR A 30 -5.02 11.67 -3.77
CA THR A 30 -4.52 12.37 -4.95
C THR A 30 -4.82 13.88 -4.89
N THR A 31 -5.90 14.26 -4.23
CA THR A 31 -6.26 15.67 -4.11
C THR A 31 -5.20 16.44 -3.31
N THR A 32 -4.83 15.89 -2.16
CA THR A 32 -3.85 16.54 -1.29
C THR A 32 -2.39 16.46 -1.74
N THR A 33 -2.09 15.67 -2.78
CA THR A 33 -0.71 15.60 -3.27
C THR A 33 -0.46 16.76 -4.21
N GLN A 34 -1.39 16.96 -5.15
CA GLN A 34 -1.30 18.03 -6.15
C GLN A 34 -1.52 19.41 -5.51
N LEU A 35 -1.92 19.41 -4.24
CA LEU A 35 -2.11 20.64 -3.48
C LEU A 35 -0.87 20.88 -2.62
N LEU A 36 -0.08 19.83 -2.44
CA LEU A 36 1.16 19.90 -1.67
C LEU A 36 2.30 20.32 -2.60
N VAL A 37 2.29 19.81 -3.83
CA VAL A 37 3.32 20.16 -4.81
C VAL A 37 2.96 21.46 -5.56
N ALA A 38 1.79 22.00 -5.24
CA ALA A 38 1.32 23.24 -5.84
C ALA A 38 1.90 24.48 -5.14
N LEU A 39 2.53 24.28 -3.98
CA LEU A 39 3.13 25.36 -3.20
C LEU A 39 4.27 26.12 -3.88
N GLY A 40 4.60 25.73 -5.11
CA GLY A 40 5.65 26.40 -5.84
C GLY A 40 7.03 26.01 -5.34
N SER A 41 7.07 25.04 -4.43
CA SER A 41 8.33 24.56 -3.88
C SER A 41 9.29 24.21 -5.00
N ARG A 42 10.55 24.57 -4.83
CA ARG A 42 11.57 24.30 -5.83
C ARG A 42 11.53 22.83 -6.23
N ASP A 43 12.15 22.53 -7.36
CA ASP A 43 12.19 21.17 -7.89
C ASP A 43 13.04 20.21 -7.08
N ASP A 44 12.99 20.31 -5.76
CA ASP A 44 13.72 19.39 -4.89
C ASP A 44 12.69 18.32 -4.52
N ILE A 45 11.45 18.56 -4.93
CA ILE A 45 10.33 17.65 -4.70
C ILE A 45 9.95 16.96 -6.01
N VAL A 46 9.92 15.63 -5.98
CA VAL A 46 9.56 14.85 -7.16
C VAL A 46 8.36 14.01 -6.79
N TYR A 47 7.24 14.35 -7.41
CA TYR A 47 5.98 13.65 -7.18
C TYR A 47 5.80 12.60 -8.27
N VAL A 48 5.51 11.37 -7.85
CA VAL A 48 5.30 10.24 -8.77
C VAL A 48 3.86 9.82 -8.54
N PRO A 49 3.05 9.79 -9.60
CA PRO A 49 1.62 9.42 -9.59
C PRO A 49 1.39 7.91 -9.69
N GLU A 50 0.11 7.54 -9.69
CA GLU A 50 -0.26 6.13 -9.81
C GLU A 50 0.12 5.71 -11.23
N PRO A 51 0.57 4.47 -11.40
CA PRO A 51 0.94 4.04 -12.74
C PRO A 51 -0.20 3.77 -13.71
N MET A 52 -1.33 4.43 -13.49
CA MET A 52 -2.58 4.30 -14.28
C MET A 52 -2.51 3.99 -15.80
N THR A 53 -1.57 4.57 -16.51
CA THR A 53 -1.47 4.31 -17.92
C THR A 53 -1.04 2.87 -18.15
N TYR A 54 -0.29 2.31 -17.20
CA TYR A 54 0.14 0.92 -17.28
C TYR A 54 -1.18 0.16 -17.17
N TRP A 55 -1.89 0.49 -16.10
CA TRP A 55 -3.20 -0.08 -15.77
C TRP A 55 -4.13 -0.13 -16.94
N ARG A 56 -4.66 1.02 -17.33
CA ARG A 56 -5.59 1.11 -18.44
C ARG A 56 -5.05 0.63 -19.79
N VAL A 57 -3.87 1.09 -20.19
CA VAL A 57 -3.38 0.68 -21.49
C VAL A 57 -2.22 -0.35 -21.61
N LEU A 58 -0.99 0.13 -21.55
CA LEU A 58 0.22 -0.68 -21.69
C LEU A 58 0.39 -1.98 -20.89
N GLY A 59 -0.37 -2.14 -19.80
CA GLY A 59 -0.29 -3.32 -18.96
C GLY A 59 -1.26 -4.37 -19.42
N ALA A 60 -2.51 -3.95 -19.46
CA ALA A 60 -3.68 -4.75 -19.88
C ALA A 60 -4.73 -3.70 -20.21
N SER A 61 -5.84 -4.13 -20.80
CA SER A 61 -6.87 -3.15 -21.12
C SER A 61 -7.87 -3.03 -20.01
N GLU A 62 -7.96 -1.81 -19.48
CA GLU A 62 -8.88 -1.49 -18.40
C GLU A 62 -8.84 -2.59 -17.33
N THR A 63 -7.72 -2.63 -16.62
CA THR A 63 -7.51 -3.60 -15.55
C THR A 63 -8.46 -3.27 -14.42
N ILE A 64 -8.59 -1.97 -14.13
CA ILE A 64 -9.47 -1.46 -13.08
C ILE A 64 -10.90 -2.01 -13.24
N ALA A 65 -11.29 -2.08 -14.52
CA ALA A 65 -12.59 -2.54 -15.02
C ALA A 65 -12.91 -3.93 -14.56
N ASN A 66 -11.97 -4.82 -14.86
CA ASN A 66 -12.07 -6.21 -14.50
C ASN A 66 -12.28 -6.37 -13.03
N ILE A 67 -11.40 -5.79 -12.22
CA ILE A 67 -11.54 -5.93 -10.77
C ILE A 67 -13.02 -5.70 -10.34
N TYR A 68 -13.52 -4.49 -10.62
CA TYR A 68 -14.89 -4.06 -10.31
C TYR A 68 -15.98 -4.79 -11.09
N THR A 69 -15.67 -5.27 -12.31
CA THR A 69 -16.66 -6.04 -13.09
C THR A 69 -16.77 -7.43 -12.50
N THR A 70 -15.65 -8.14 -12.49
CA THR A 70 -15.53 -9.50 -11.96
C THR A 70 -16.13 -9.63 -10.58
N GLN A 71 -16.28 -8.50 -9.92
CA GLN A 71 -16.91 -8.53 -8.62
C GLN A 71 -18.44 -8.66 -8.80
N HIS A 72 -19.04 -7.73 -9.54
CA HIS A 72 -20.48 -7.74 -9.80
C HIS A 72 -20.83 -9.11 -10.33
N ARG A 73 -20.08 -9.51 -11.34
CA ARG A 73 -20.27 -10.82 -11.93
C ARG A 73 -20.19 -11.92 -10.86
N LEU A 74 -19.37 -11.71 -9.83
CA LEU A 74 -19.24 -12.69 -8.76
C LEU A 74 -20.40 -12.60 -7.80
N ASP A 75 -20.65 -11.40 -7.33
CA ASP A 75 -21.72 -11.13 -6.40
C ASP A 75 -23.09 -11.51 -6.97
N GLN A 76 -23.28 -11.22 -8.25
CA GLN A 76 -24.54 -11.53 -8.92
C GLN A 76 -24.55 -12.97 -9.42
N GLY A 77 -23.73 -13.80 -8.74
CA GLY A 77 -23.58 -15.21 -9.01
C GLY A 77 -23.41 -15.66 -10.45
N GLU A 78 -22.49 -15.06 -11.18
CA GLU A 78 -22.35 -15.46 -12.57
C GLU A 78 -21.08 -16.21 -12.91
N ILE A 79 -20.24 -16.43 -11.89
CA ILE A 79 -18.97 -17.14 -12.03
C ILE A 79 -18.72 -17.87 -10.74
N SER A 80 -17.87 -18.89 -10.79
CA SER A 80 -17.52 -19.59 -9.57
C SER A 80 -16.51 -18.66 -8.87
N ALA A 81 -16.38 -18.81 -7.56
CA ALA A 81 -15.43 -17.97 -6.85
C ALA A 81 -14.07 -18.21 -7.54
N GLY A 82 -13.71 -19.47 -7.76
CA GLY A 82 -12.47 -19.80 -8.43
C GLY A 82 -12.29 -19.12 -9.79
N ASP A 83 -13.35 -18.53 -10.31
CA ASP A 83 -13.28 -17.84 -11.58
C ASP A 83 -12.92 -16.39 -11.30
N ALA A 84 -13.61 -15.82 -10.32
CA ALA A 84 -13.33 -14.46 -9.91
C ALA A 84 -11.92 -14.40 -9.33
N ALA A 85 -11.53 -15.48 -8.67
CA ALA A 85 -10.24 -15.61 -8.02
C ALA A 85 -9.09 -15.43 -8.97
N VAL A 86 -9.16 -16.14 -10.09
CA VAL A 86 -8.11 -16.14 -11.09
C VAL A 86 -7.98 -14.84 -11.85
N VAL A 87 -9.09 -14.18 -12.14
CA VAL A 87 -9.00 -12.90 -12.83
C VAL A 87 -8.52 -11.86 -11.82
N MET A 88 -9.17 -11.87 -10.66
CA MET A 88 -8.88 -10.98 -9.55
C MET A 88 -7.39 -11.01 -9.24
N THR A 89 -6.78 -12.17 -9.44
CA THR A 89 -5.35 -12.34 -9.17
C THR A 89 -4.41 -11.77 -10.21
N SER A 90 -4.74 -11.90 -11.49
CA SER A 90 -3.89 -11.34 -12.55
C SER A 90 -4.15 -9.83 -12.53
N ALA A 91 -5.35 -9.46 -12.05
CA ALA A 91 -5.73 -8.06 -11.91
C ALA A 91 -4.68 -7.44 -11.01
N GLN A 92 -4.44 -8.12 -9.90
CA GLN A 92 -3.45 -7.69 -8.94
C GLN A 92 -2.02 -7.70 -9.46
N ILE A 93 -1.60 -8.81 -10.06
CA ILE A 93 -0.26 -8.92 -10.63
C ILE A 93 0.02 -7.71 -11.49
N THR A 94 -0.86 -7.48 -12.47
CA THR A 94 -0.77 -6.38 -13.42
C THR A 94 -0.89 -5.02 -12.73
N MET A 95 -1.59 -4.95 -11.59
CA MET A 95 -1.70 -3.69 -10.86
C MET A 95 -0.35 -3.30 -10.27
N GLY A 96 0.27 -4.23 -9.55
CA GLY A 96 1.55 -4.01 -8.89
C GLY A 96 2.86 -3.93 -9.66
N MET A 97 2.97 -4.66 -10.76
CA MET A 97 4.19 -4.69 -11.57
C MET A 97 4.92 -3.35 -11.58
N PRO A 98 4.23 -2.28 -12.00
CA PRO A 98 4.82 -0.93 -12.07
C PRO A 98 5.34 -0.34 -10.75
N TYR A 99 4.80 -0.76 -9.61
CA TYR A 99 5.31 -0.26 -8.34
C TYR A 99 6.64 -0.97 -8.06
N ALA A 100 6.69 -2.22 -8.46
CA ALA A 100 7.84 -3.08 -8.24
C ALA A 100 9.06 -2.75 -9.06
N VAL A 101 8.92 -2.76 -10.38
CA VAL A 101 10.05 -2.48 -11.24
C VAL A 101 10.74 -1.15 -10.87
N THR A 102 9.96 -0.21 -10.33
CA THR A 102 10.49 1.07 -9.91
C THR A 102 11.34 0.84 -8.69
N ASP A 103 10.71 0.26 -7.68
CA ASP A 103 11.36 -0.05 -6.43
C ASP A 103 12.65 -0.86 -6.68
N ALA A 104 12.71 -1.56 -7.81
CA ALA A 104 13.88 -2.35 -8.16
C ALA A 104 15.00 -1.44 -8.64
N VAL A 105 14.64 -0.46 -9.43
CA VAL A 105 15.66 0.43 -9.93
C VAL A 105 16.00 1.58 -8.99
N LEU A 106 15.30 1.63 -7.87
CA LEU A 106 15.52 2.68 -6.88
C LEU A 106 16.32 2.15 -5.70
N ALA A 107 16.24 0.85 -5.45
CA ALA A 107 16.95 0.19 -4.35
C ALA A 107 18.48 0.34 -4.31
N PRO A 108 19.13 0.16 -5.45
CA PRO A 108 20.60 0.25 -5.53
C PRO A 108 21.16 1.64 -5.28
N HIS A 109 20.32 2.56 -4.85
CA HIS A 109 20.75 3.92 -4.58
C HIS A 109 20.39 4.28 -3.17
N ILE A 110 19.80 3.35 -2.45
CA ILE A 110 19.39 3.68 -1.10
C ILE A 110 20.30 3.18 0.01
N GLY A 111 20.95 4.17 0.60
CA GLY A 111 21.84 3.95 1.70
C GLY A 111 21.04 4.07 2.96
N GLY A 112 21.73 3.85 4.08
CA GLY A 112 21.10 3.88 5.39
C GLY A 112 20.25 5.06 5.81
N GLU A 113 19.47 4.80 6.85
CA GLU A 113 18.57 5.76 7.47
C GLU A 113 19.40 6.70 8.35
N ALA A 114 19.68 7.89 7.84
CA ALA A 114 20.45 8.87 8.60
C ALA A 114 19.49 9.64 9.50
N GLY A 115 18.75 8.89 10.31
CA GLY A 115 17.78 9.48 11.22
C GLY A 115 16.78 10.33 10.46
N SER A 116 16.58 11.55 10.96
CA SER A 116 15.64 12.51 10.38
C SER A 116 16.38 13.84 10.17
N PRO A 120 19.13 18.22 9.82
CA PRO A 120 19.58 18.20 8.42
C PRO A 120 18.42 18.17 7.41
N PRO A 121 18.67 18.67 6.17
CA PRO A 121 17.66 18.70 5.09
C PRO A 121 17.99 17.77 3.90
N PRO A 122 16.96 17.09 3.36
CA PRO A 122 17.11 16.19 2.22
C PRO A 122 17.30 17.01 0.96
N ALA A 123 18.24 16.60 0.12
CA ALA A 123 18.51 17.30 -1.12
C ALA A 123 17.44 16.97 -2.17
N LEU A 124 16.61 15.97 -1.85
CA LEU A 124 15.52 15.52 -2.71
C LEU A 124 14.44 14.88 -1.84
N THR A 125 13.20 15.05 -2.27
CA THR A 125 12.03 14.52 -1.57
C THR A 125 11.04 13.92 -2.56
N LEU A 126 10.90 12.59 -2.54
CA LEU A 126 9.94 11.91 -3.41
C LEU A 126 8.61 11.71 -2.66
N ILE A 127 7.53 12.14 -3.30
CA ILE A 127 6.19 11.99 -2.74
C ILE A 127 5.52 11.01 -3.70
N PHE A 128 5.28 9.80 -3.22
CA PHE A 128 4.68 8.77 -4.05
C PHE A 128 3.19 8.59 -3.79
N ASP A 129 2.46 8.35 -4.88
CA ASP A 129 1.04 8.06 -4.78
C ASP A 129 1.03 6.54 -4.74
N ARG A 130 0.75 6.03 -3.53
CA ARG A 130 0.72 4.60 -3.17
C ARG A 130 2.08 3.87 -3.21
N HIS A 131 2.26 2.96 -2.23
CA HIS A 131 3.46 2.14 -2.04
C HIS A 131 3.10 0.66 -2.26
N PRO A 132 3.96 -0.08 -2.99
CA PRO A 132 3.85 -1.49 -3.33
C PRO A 132 2.86 -2.38 -2.55
N ILE A 133 2.93 -2.37 -1.22
CA ILE A 133 2.08 -3.20 -0.37
C ILE A 133 0.56 -2.86 -0.42
N ALA A 134 0.24 -1.82 -1.20
CA ALA A 134 -1.13 -1.39 -1.43
C ALA A 134 -1.64 -2.44 -2.43
N ALA A 135 -0.89 -2.59 -3.51
CA ALA A 135 -1.20 -3.56 -4.57
C ALA A 135 -0.72 -4.99 -4.27
N LEU A 136 0.13 -5.16 -3.27
CA LEU A 136 0.70 -6.48 -3.02
C LEU A 136 0.32 -7.13 -1.76
N LEU A 137 -0.37 -6.40 -0.91
CA LEU A 137 -0.81 -6.96 0.36
C LEU A 137 -2.23 -6.54 0.70
N CYS A 138 -2.43 -5.23 0.76
CA CYS A 138 -3.72 -4.63 1.11
C CYS A 138 -4.92 -5.07 0.29
N TYR A 139 -4.93 -4.69 -0.98
CA TYR A 139 -6.04 -5.06 -1.86
C TYR A 139 -6.17 -6.57 -2.03
N PRO A 140 -5.04 -7.27 -2.22
CA PRO A 140 -5.19 -8.72 -2.35
C PRO A 140 -5.91 -9.30 -1.11
N ALA A 141 -5.65 -8.69 0.03
CA ALA A 141 -6.23 -9.10 1.30
C ALA A 141 -7.70 -8.71 1.40
N ALA A 142 -8.05 -7.57 0.84
CA ALA A 142 -9.42 -7.11 0.85
C ALA A 142 -10.26 -8.08 0.01
N ARG A 143 -9.77 -8.43 -1.17
CA ARG A 143 -10.50 -9.35 -2.01
C ARG A 143 -10.59 -10.69 -1.37
N TYR A 144 -9.64 -11.00 -0.50
CA TYR A 144 -9.65 -12.27 0.22
C TYR A 144 -10.89 -12.30 1.09
N LEU A 145 -11.24 -11.14 1.63
CA LEU A 145 -12.41 -10.96 2.48
C LEU A 145 -13.67 -10.78 1.63
N MET A 146 -13.46 -10.38 0.38
CA MET A 146 -14.56 -10.15 -0.55
C MET A 146 -14.93 -11.42 -1.29
N GLY A 147 -14.40 -12.56 -0.84
CA GLY A 147 -14.64 -13.87 -1.44
C GLY A 147 -14.04 -14.08 -2.82
N SER A 148 -13.41 -13.02 -3.35
CA SER A 148 -12.81 -12.97 -4.68
C SER A 148 -11.31 -13.35 -4.79
N MET A 149 -10.64 -13.48 -3.66
CA MET A 149 -9.21 -13.80 -3.63
C MET A 149 -9.01 -15.02 -2.70
N THR A 150 -8.09 -15.90 -3.07
CA THR A 150 -7.81 -17.10 -2.28
C THR A 150 -6.69 -16.88 -1.25
N PRO A 151 -6.85 -17.43 -0.04
CA PRO A 151 -5.83 -17.28 1.02
C PRO A 151 -4.43 -17.57 0.49
N GLN A 152 -4.30 -18.68 -0.21
CA GLN A 152 -3.05 -19.11 -0.83
C GLN A 152 -2.45 -18.06 -1.80
N ALA A 153 -3.26 -17.54 -2.70
CA ALA A 153 -2.80 -16.51 -3.65
C ALA A 153 -2.37 -15.25 -2.90
N VAL A 154 -3.14 -14.88 -1.85
CA VAL A 154 -2.85 -13.69 -1.04
C VAL A 154 -1.41 -13.78 -0.50
N LEU A 155 -1.08 -14.94 0.05
CA LEU A 155 0.24 -15.20 0.60
C LEU A 155 1.39 -15.43 -0.38
N ALA A 156 1.13 -15.35 -1.67
CA ALA A 156 2.17 -15.50 -2.66
C ALA A 156 2.68 -14.08 -2.85
N PHE A 157 1.76 -13.14 -2.79
CA PHE A 157 2.10 -11.74 -2.94
C PHE A 157 2.84 -11.40 -1.66
N VAL A 158 2.41 -12.02 -0.56
CA VAL A 158 3.07 -11.78 0.71
C VAL A 158 4.52 -12.29 0.62
N ALA A 159 4.68 -13.50 0.11
CA ALA A 159 5.96 -14.15 -0.06
C ALA A 159 6.84 -13.45 -1.08
N LEU A 160 6.28 -12.47 -1.77
CA LEU A 160 6.99 -11.71 -2.81
C LEU A 160 7.43 -10.31 -2.43
N ILE A 161 6.63 -9.63 -1.60
CA ILE A 161 6.91 -8.28 -1.15
C ILE A 161 8.42 -8.07 -1.00
N PRO A 162 9.04 -7.36 -1.96
CA PRO A 162 10.49 -7.11 -1.92
C PRO A 162 10.93 -6.59 -0.58
N PRO A 163 12.19 -6.89 -0.18
CA PRO A 163 12.83 -6.49 1.08
C PRO A 163 12.63 -5.02 1.33
N THR A 164 12.14 -4.71 2.52
CA THR A 164 11.89 -3.33 2.88
C THR A 164 13.16 -2.52 2.98
N LEU A 165 13.23 -1.48 2.16
CA LEU A 165 14.37 -0.55 2.12
C LEU A 165 14.33 0.42 3.30
N PRO A 166 15.47 1.05 3.61
CA PRO A 166 15.55 2.01 4.71
C PRO A 166 14.88 3.32 4.28
N GLY A 167 14.28 4.00 5.24
CA GLY A 167 13.64 5.27 4.95
C GLY A 167 12.25 5.14 4.31
N THR A 168 11.61 4.00 4.57
CA THR A 168 10.27 3.72 4.06
C THR A 168 9.19 4.29 4.95
N ASN A 169 8.93 5.58 4.76
CA ASN A 169 7.91 6.34 5.49
C ASN A 169 6.59 6.26 4.75
N ILE A 170 5.66 5.48 5.29
CA ILE A 170 4.33 5.29 4.71
C ILE A 170 3.23 6.10 5.40
N VAL A 171 2.66 7.07 4.68
CA VAL A 171 1.59 7.95 5.20
C VAL A 171 0.17 7.42 4.97
N LEU A 172 -0.46 6.87 6.00
CA LEU A 172 -1.84 6.36 5.84
C LEU A 172 -2.89 7.42 6.17
N GLY A 173 -4.17 7.03 6.24
CA GLY A 173 -5.19 8.03 6.49
C GLY A 173 -6.31 7.78 7.49
N ALA A 174 -7.04 8.86 7.80
CA ALA A 174 -8.15 8.84 8.75
C ALA A 174 -9.30 9.74 8.36
N LEU A 175 -10.49 9.15 8.20
CA LEU A 175 -11.70 9.90 7.86
C LEU A 175 -12.80 8.95 8.28
N PRO A 176 -13.82 9.46 8.97
CA PRO A 176 -14.94 8.66 9.44
C PRO A 176 -15.68 8.01 8.28
N GLU A 177 -16.02 6.74 8.44
CA GLU A 177 -16.69 5.95 7.42
C GLU A 177 -17.66 6.77 6.58
N ASP A 178 -18.59 7.42 7.26
CA ASP A 178 -19.61 8.25 6.63
C ASP A 178 -19.09 9.33 5.67
N ARG A 179 -18.25 10.22 6.18
CA ARG A 179 -17.71 11.30 5.35
C ARG A 179 -16.82 10.74 4.24
N HIS A 180 -16.22 9.58 4.51
CA HIS A 180 -15.36 8.92 3.55
C HIS A 180 -16.23 8.40 2.38
N ILE A 181 -17.34 7.75 2.74
CA ILE A 181 -18.29 7.19 1.77
C ILE A 181 -18.76 8.31 0.87
N ASP A 182 -19.18 9.40 1.51
CA ASP A 182 -19.66 10.58 0.83
C ASP A 182 -18.63 11.07 -0.19
N ARG A 183 -17.36 11.02 0.19
CA ARG A 183 -16.29 11.45 -0.69
C ARG A 183 -16.17 10.54 -1.90
N LEU A 184 -16.19 9.24 -1.64
CA LEU A 184 -16.09 8.25 -2.71
C LEU A 184 -17.17 8.48 -3.74
N ALA A 185 -18.36 8.85 -3.26
CA ALA A 185 -19.50 9.09 -4.12
C ALA A 185 -19.53 10.50 -4.73
N LYS A 186 -18.36 11.13 -4.89
CA LYS A 186 -18.27 12.46 -5.48
C LYS A 186 -17.28 12.47 -6.64
N ARG A 187 -16.88 11.27 -7.03
CA ARG A 187 -15.92 11.09 -8.11
C ARG A 187 -15.89 9.59 -8.36
N GLN A 188 -15.93 9.17 -9.63
CA GLN A 188 -15.86 7.74 -9.91
C GLN A 188 -14.84 7.48 -11.01
N ARG A 189 -13.98 6.51 -10.75
CA ARG A 189 -12.90 6.11 -11.65
C ARG A 189 -13.31 5.58 -13.04
N PRO A 190 -12.32 5.43 -13.94
CA PRO A 190 -12.55 4.93 -15.29
C PRO A 190 -12.88 3.44 -15.22
N GLY A 191 -14.15 3.10 -15.41
CA GLY A 191 -14.55 1.70 -15.36
C GLY A 191 -14.59 1.13 -13.96
N GLU A 192 -14.90 2.00 -12.97
CA GLU A 192 -14.97 1.59 -11.59
C GLU A 192 -16.41 1.73 -11.13
N ARG A 193 -16.85 0.81 -10.26
CA ARG A 193 -18.22 0.81 -9.68
C ARG A 193 -18.08 1.21 -8.22
N LEU A 194 -19.21 1.47 -7.57
CA LEU A 194 -19.17 1.86 -6.16
C LEU A 194 -19.51 0.67 -5.26
N ASP A 195 -18.54 0.25 -4.44
CA ASP A 195 -18.75 -0.89 -3.55
C ASP A 195 -18.47 -0.60 -2.07
N LEU A 196 -19.52 -0.47 -1.29
CA LEU A 196 -19.37 -0.21 0.14
C LEU A 196 -18.66 -1.33 0.89
N ALA A 197 -18.91 -2.60 0.53
CA ALA A 197 -18.27 -3.73 1.19
C ALA A 197 -16.81 -3.72 0.87
N MET A 198 -16.49 -3.56 -0.41
CA MET A 198 -15.12 -3.53 -0.85
C MET A 198 -14.46 -2.33 -0.17
N LEU A 199 -15.27 -1.32 0.12
CA LEU A 199 -14.77 -0.14 0.79
C LEU A 199 -14.48 -0.53 2.21
N ALA A 200 -15.52 -0.83 2.96
CA ALA A 200 -15.40 -1.27 4.35
C ALA A 200 -14.32 -2.34 4.47
N ALA A 201 -14.16 -3.15 3.45
CA ALA A 201 -13.15 -4.20 3.43
C ALA A 201 -11.77 -3.58 3.52
N ILE A 202 -11.42 -2.77 2.52
CA ILE A 202 -10.12 -2.10 2.44
C ILE A 202 -9.81 -1.32 3.71
N ARG A 203 -10.79 -0.60 4.22
CA ARG A 203 -10.61 0.17 5.43
C ARG A 203 -10.15 -0.77 6.57
N ARG A 204 -10.49 -2.05 6.47
CA ARG A 204 -10.12 -3.02 7.49
C ARG A 204 -8.69 -3.53 7.28
N VAL A 205 -8.25 -3.51 6.04
CA VAL A 205 -6.90 -3.99 5.78
C VAL A 205 -5.96 -2.86 6.15
N TYR A 206 -6.37 -1.65 5.81
CA TYR A 206 -5.56 -0.48 6.13
C TYR A 206 -5.43 -0.17 7.62
N GLY A 207 -6.17 -0.94 8.42
CA GLY A 207 -6.13 -0.80 9.85
C GLY A 207 -5.32 -1.96 10.40
N LEU A 208 -5.70 -3.19 10.04
CA LEU A 208 -5.00 -4.37 10.51
C LEU A 208 -3.52 -4.25 10.19
N LEU A 209 -3.21 -3.57 9.07
CA LEU A 209 -1.83 -3.35 8.61
C LEU A 209 -1.14 -2.29 9.42
N ALA A 210 -1.73 -1.11 9.48
CA ALA A 210 -1.10 -0.03 10.25
C ALA A 210 -1.19 -0.32 11.74
N ASN A 211 -1.60 -1.54 12.06
CA ASN A 211 -1.76 -1.97 13.44
C ASN A 211 -0.72 -3.02 13.78
N THR A 212 -0.45 -3.90 12.82
CA THR A 212 0.55 -4.94 12.98
C THR A 212 1.91 -4.29 13.07
N VAL A 213 2.10 -3.13 12.42
CA VAL A 213 3.38 -2.43 12.52
C VAL A 213 3.52 -2.13 13.98
N ARG A 214 2.72 -1.21 14.50
CA ARG A 214 2.76 -0.83 15.91
C ARG A 214 3.02 -2.01 16.81
N TYR A 215 2.19 -3.04 16.66
CA TYR A 215 2.29 -4.26 17.45
C TYR A 215 3.66 -4.95 17.39
N LEU A 216 4.16 -5.16 16.17
CA LEU A 216 5.45 -5.79 15.92
C LEU A 216 6.58 -4.97 16.49
N GLN A 217 6.48 -3.65 16.24
CA GLN A 217 7.47 -2.68 16.69
C GLN A 217 7.61 -2.77 18.20
N CYS A 218 6.54 -3.19 18.86
CA CYS A 218 6.55 -3.31 20.30
C CYS A 218 6.87 -4.71 20.79
N GLY A 219 7.69 -5.44 20.04
CA GLY A 219 8.07 -6.79 20.42
C GLY A 219 7.03 -7.87 20.15
N GLY A 220 6.03 -7.56 19.34
CA GLY A 220 4.99 -8.54 19.04
C GLY A 220 5.46 -9.67 18.15
N SER A 221 5.20 -10.92 18.56
CA SER A 221 5.57 -12.09 17.75
C SER A 221 4.30 -12.88 17.49
N TRP A 222 4.00 -13.06 16.20
CA TRP A 222 2.79 -13.75 15.79
C TRP A 222 2.72 -15.19 16.26
N ARG A 223 3.89 -15.84 16.29
CA ARG A 223 3.99 -17.22 16.72
C ARG A 223 3.78 -17.39 18.21
N GLU A 224 4.35 -16.50 19.02
CA GLU A 224 4.15 -16.58 20.46
C GLU A 224 2.71 -16.21 20.82
N ASP A 225 2.06 -15.49 19.91
CA ASP A 225 0.69 -15.04 20.15
C ASP A 225 -0.39 -15.87 19.45
N TRP A 226 -0.01 -16.77 18.55
CA TRP A 226 -0.99 -17.57 17.81
C TRP A 226 -2.18 -18.15 18.58
N GLY A 227 -1.92 -18.86 19.66
CA GLY A 227 -2.98 -19.47 20.45
C GLY A 227 -4.05 -18.55 21.06
N GLN A 228 -3.88 -17.25 20.90
CA GLN A 228 -4.87 -16.30 21.40
C GLN A 228 -5.96 -16.23 20.33
N LEU A 229 -5.53 -16.41 19.08
CA LEU A 229 -6.43 -16.39 17.94
C LEU A 229 -7.30 -17.64 17.96
N SER A 230 -6.70 -18.77 18.32
CA SER A 230 -7.37 -20.07 18.40
C SER A 230 -8.69 -20.00 19.18
N GLY A 231 -8.64 -19.34 20.33
CA GLY A 231 -9.82 -19.19 21.17
C GLY A 231 -9.48 -19.59 22.59
N PRO A 247 -4.09 1.20 22.56
CA PRO A 247 -3.31 1.23 21.31
C PRO A 247 -2.28 0.15 21.25
N ARG A 248 -1.95 -0.42 22.40
CA ARG A 248 -1.01 -1.52 22.44
C ARG A 248 -1.94 -2.63 21.95
N PRO A 249 -1.78 -3.05 20.68
CA PRO A 249 -2.56 -4.09 19.99
C PRO A 249 -2.08 -5.53 20.18
N HIS A 250 -3.00 -6.47 20.02
CA HIS A 250 -2.66 -7.89 20.13
C HIS A 250 -2.69 -8.64 18.80
N ILE A 251 -2.43 -9.94 18.83
CA ILE A 251 -2.45 -10.73 17.62
C ILE A 251 -3.82 -10.58 16.96
N GLY A 252 -4.83 -10.31 17.78
CA GLY A 252 -6.18 -10.13 17.27
C GLY A 252 -6.43 -8.86 16.47
N ASP A 253 -5.52 -7.91 16.56
CA ASP A 253 -5.66 -6.66 15.86
C ASP A 253 -4.69 -6.64 14.67
N THR A 254 -4.09 -7.77 14.41
CA THR A 254 -3.14 -7.81 13.33
C THR A 254 -3.72 -8.54 12.13
N LEU A 255 -3.09 -8.36 10.96
CA LEU A 255 -3.53 -9.01 9.75
C LEU A 255 -3.43 -10.53 9.93
N PHE A 256 -2.52 -10.91 10.81
CA PHE A 256 -2.24 -12.30 11.14
C PHE A 256 -3.49 -13.08 11.44
N THR A 257 -4.56 -12.37 11.77
CA THR A 257 -5.85 -12.99 12.05
C THR A 257 -6.37 -13.60 10.75
N LEU A 258 -6.43 -12.78 9.70
CA LEU A 258 -6.89 -13.19 8.37
C LEU A 258 -6.31 -14.53 7.86
N PHE A 259 -5.23 -14.98 8.45
CA PHE A 259 -4.64 -16.20 7.97
C PHE A 259 -4.96 -17.41 8.78
N ARG A 260 -5.89 -17.26 9.71
CA ARG A 260 -6.32 -18.35 10.57
C ARG A 260 -7.51 -18.98 9.87
N ALA A 261 -7.38 -19.09 8.56
CA ALA A 261 -8.40 -19.67 7.69
C ALA A 261 -8.11 -21.16 7.46
N PRO A 262 -9.17 -22.00 7.52
CA PRO A 262 -9.24 -23.45 7.35
C PRO A 262 -8.23 -24.03 6.35
N GLU A 263 -8.21 -23.44 5.16
CA GLU A 263 -7.35 -23.89 4.07
C GLU A 263 -5.85 -23.85 4.34
N LEU A 264 -5.44 -23.16 5.40
CA LEU A 264 -4.02 -23.01 5.76
C LEU A 264 -3.62 -23.82 6.97
N LEU A 265 -4.60 -24.41 7.63
CA LEU A 265 -4.36 -25.20 8.82
C LEU A 265 -4.36 -26.69 8.61
N ALA A 266 -3.26 -27.30 9.05
CA ALA A 266 -3.08 -28.74 8.96
C ALA A 266 -4.02 -29.38 10.00
N PRO A 267 -4.10 -30.73 10.01
CA PRO A 267 -4.97 -31.45 10.96
C PRO A 267 -4.66 -31.16 12.43
N ASN A 268 -3.42 -30.75 12.72
CA ASN A 268 -3.00 -30.40 14.07
C ASN A 268 -3.42 -28.97 14.43
N GLY A 269 -4.00 -28.27 13.44
CA GLY A 269 -4.47 -26.91 13.64
C GLY A 269 -3.39 -25.87 13.44
N ASP A 270 -2.14 -26.31 13.35
CA ASP A 270 -1.03 -25.40 13.13
C ASP A 270 -1.01 -25.15 11.64
N LEU A 271 -0.67 -23.93 11.24
CA LEU A 271 -0.58 -23.64 9.82
C LEU A 271 0.53 -24.53 9.35
N TYR A 272 0.51 -24.84 8.07
CA TYR A 272 1.56 -25.65 7.51
C TYR A 272 2.73 -24.67 7.48
N ASN A 273 3.94 -25.20 7.47
CA ASN A 273 5.15 -24.37 7.42
C ASN A 273 5.27 -23.57 6.13
N VAL A 274 4.64 -24.03 5.04
CA VAL A 274 4.73 -23.28 3.78
C VAL A 274 4.18 -21.91 4.07
N PHE A 275 3.02 -21.95 4.68
CA PHE A 275 2.28 -20.76 5.02
C PHE A 275 2.92 -20.05 6.23
N ALA A 276 3.40 -20.87 7.16
CA ALA A 276 4.06 -20.40 8.38
C ALA A 276 5.22 -19.43 8.13
N TRP A 277 6.17 -19.87 7.30
CA TRP A 277 7.35 -19.10 6.95
C TRP A 277 7.00 -17.76 6.32
N ALA A 278 5.97 -17.77 5.49
CA ALA A 278 5.52 -16.59 4.79
C ALA A 278 4.96 -15.55 5.71
N LEU A 279 4.55 -15.94 6.91
CA LEU A 279 4.05 -14.94 7.83
C LEU A 279 5.24 -14.20 8.44
N ASP A 280 6.34 -14.95 8.48
CA ASP A 280 7.65 -14.51 8.96
C ASP A 280 8.24 -13.49 7.99
N VAL A 281 7.99 -13.74 6.71
CA VAL A 281 8.45 -12.91 5.61
C VAL A 281 7.71 -11.60 5.73
N LEU A 282 6.39 -11.73 5.81
CA LEU A 282 5.45 -10.63 5.94
C LEU A 282 5.88 -9.73 7.09
N ALA A 283 6.21 -10.38 8.21
CA ALA A 283 6.64 -9.69 9.42
C ALA A 283 7.81 -8.79 9.09
N LYS A 284 8.93 -9.43 8.74
CA LYS A 284 10.16 -8.72 8.42
C LYS A 284 9.99 -7.56 7.45
N ARG A 285 8.89 -7.55 6.70
CA ARG A 285 8.65 -6.45 5.76
C ARG A 285 7.96 -5.28 6.46
N LEU A 286 6.92 -5.60 7.20
CA LEU A 286 6.15 -4.59 7.90
C LEU A 286 6.87 -4.02 9.10
N ARG A 287 7.61 -4.87 9.80
CA ARG A 287 8.33 -4.51 11.02
C ARG A 287 9.16 -3.22 10.87
N SER A 288 9.78 -3.09 9.70
CA SER A 288 10.65 -1.97 9.36
C SER A 288 10.04 -0.70 8.69
N MET A 289 8.73 -0.60 8.68
CA MET A 289 8.06 0.53 8.04
C MET A 289 7.73 1.68 9.00
N HIS A 290 7.70 2.88 8.43
CA HIS A 290 7.43 4.10 9.16
C HIS A 290 6.06 4.65 8.83
N VAL A 291 5.08 4.19 9.61
CA VAL A 291 3.69 4.62 9.42
C VAL A 291 3.39 5.91 10.14
N PHE A 292 2.51 6.68 9.52
CA PHE A 292 2.04 7.96 10.04
C PHE A 292 0.62 7.94 9.50
N ILE A 293 -0.28 8.72 10.09
CA ILE A 293 -1.66 8.74 9.61
C ILE A 293 -2.16 10.15 9.62
N LEU A 294 -2.50 10.67 8.45
CA LEU A 294 -3.01 12.04 8.41
C LEU A 294 -4.52 12.06 8.48
N ASP A 295 -5.03 13.00 9.28
CA ASP A 295 -6.47 13.16 9.46
C ASP A 295 -6.96 13.91 8.22
N TYR A 296 -7.67 13.20 7.36
CA TYR A 296 -8.17 13.78 6.14
C TYR A 296 -9.44 14.58 6.38
N ASP A 297 -9.83 14.72 7.64
CA ASP A 297 -11.03 15.45 8.01
C ASP A 297 -11.04 16.95 7.76
N GLN A 298 -9.92 17.51 7.32
CA GLN A 298 -9.85 18.95 7.07
C GLN A 298 -10.03 19.41 5.61
N SER A 299 -9.79 20.69 5.36
CA SER A 299 -9.90 21.23 4.01
C SER A 299 -8.59 20.88 3.30
N PRO A 300 -8.64 20.61 2.00
CA PRO A 300 -7.49 20.26 1.18
C PRO A 300 -6.17 20.95 1.54
N ALA A 301 -6.20 22.28 1.60
CA ALA A 301 -5.01 23.06 1.95
C ALA A 301 -4.42 22.56 3.26
N GLY A 302 -5.16 22.77 4.35
CA GLY A 302 -4.71 22.34 5.67
C GLY A 302 -4.21 20.89 5.68
N CYS A 303 -4.87 20.01 4.94
CA CYS A 303 -4.45 18.61 4.88
C CYS A 303 -3.00 18.58 4.48
N ARG A 304 -2.70 19.21 3.35
CA ARG A 304 -1.35 19.27 2.82
C ARG A 304 -0.40 19.94 3.81
N ASP A 305 -0.90 20.91 4.58
CA ASP A 305 -0.09 21.57 5.60
C ASP A 305 0.33 20.48 6.58
N ALA A 306 -0.65 19.72 7.05
CA ALA A 306 -0.43 18.64 7.98
C ALA A 306 0.59 17.69 7.35
N LEU A 307 0.30 17.18 6.15
CA LEU A 307 1.21 16.26 5.45
C LEU A 307 2.62 16.85 5.50
N LEU A 308 2.70 18.14 5.18
CA LEU A 308 3.95 18.89 5.19
C LEU A 308 4.63 18.77 6.56
N GLN A 309 3.84 18.93 7.63
CA GLN A 309 4.37 18.82 9.01
C GLN A 309 4.81 17.38 9.38
N LEU A 310 4.06 16.39 8.90
CA LEU A 310 4.39 15.01 9.18
C LEU A 310 5.76 14.76 8.60
N THR A 311 6.01 15.37 7.45
CA THR A 311 7.27 15.28 6.71
C THR A 311 8.48 15.46 7.59
N SER A 312 8.42 16.49 8.44
CA SER A 312 9.52 16.83 9.33
C SER A 312 10.10 15.62 10.03
N GLY A 313 9.28 14.98 10.86
CA GLY A 313 9.72 13.83 11.63
C GLY A 313 9.94 12.55 10.86
N MET A 314 9.89 12.60 9.54
CA MET A 314 10.09 11.40 8.74
C MET A 314 11.57 11.09 8.58
N VAL A 315 11.86 9.87 8.18
CA VAL A 315 13.22 9.41 7.98
C VAL A 315 13.77 9.74 6.59
N GLN A 316 15.05 10.06 6.52
CA GLN A 316 15.71 10.38 5.24
C GLN A 316 16.89 9.41 5.07
N THR A 317 17.35 9.19 3.85
CA THR A 317 18.43 8.23 3.66
C THR A 317 19.55 8.70 2.74
N HIS A 318 20.75 8.19 2.98
CA HIS A 318 21.91 8.54 2.16
C HIS A 318 21.75 7.78 0.85
N VAL A 319 22.47 8.17 -0.19
CA VAL A 319 22.34 7.44 -1.45
C VAL A 319 23.69 6.85 -1.85
N THR A 320 23.72 5.53 -1.94
CA THR A 320 24.93 4.80 -2.27
C THR A 320 25.84 5.44 -3.33
N THR A 321 25.32 5.72 -4.52
CA THR A 321 26.18 6.34 -5.52
C THR A 321 26.00 7.85 -5.41
N PRO A 322 27.10 8.62 -5.47
CA PRO A 322 27.03 10.08 -5.38
C PRO A 322 26.18 10.67 -6.50
N GLY A 323 26.09 9.94 -7.60
CA GLY A 323 25.30 10.40 -8.73
C GLY A 323 23.88 9.88 -8.64
N SER A 324 23.56 9.15 -7.57
CA SER A 324 22.23 8.57 -7.39
C SER A 324 21.07 9.53 -7.46
N ILE A 325 21.15 10.62 -6.70
CA ILE A 325 20.08 11.59 -6.63
C ILE A 325 19.50 12.00 -7.97
N PRO A 326 20.35 12.44 -8.90
CA PRO A 326 19.85 12.84 -10.21
C PRO A 326 19.09 11.70 -10.89
N THR A 327 19.66 10.51 -10.81
CA THR A 327 19.09 9.29 -11.38
C THR A 327 17.74 8.98 -10.72
N ILE A 328 17.68 9.15 -9.40
CA ILE A 328 16.46 8.94 -8.61
C ILE A 328 15.41 9.99 -9.00
N CYS A 329 15.89 11.08 -9.60
CA CYS A 329 15.06 12.17 -10.09
C CYS A 329 14.50 11.75 -11.43
N ASP A 330 15.39 11.57 -12.40
CA ASP A 330 14.99 11.17 -13.74
C ASP A 330 14.03 9.98 -13.66
N LEU A 331 14.47 8.93 -12.97
CA LEU A 331 13.69 7.71 -12.78
C LEU A 331 12.23 8.07 -12.52
N ALA A 332 11.95 8.64 -11.35
CA ALA A 332 10.59 9.01 -10.99
C ALA A 332 9.95 10.04 -11.96
N ARG A 333 10.77 10.90 -12.56
CA ARG A 333 10.26 11.92 -13.47
C ARG A 333 9.83 11.24 -14.76
N THR A 334 10.59 10.23 -15.14
CA THR A 334 10.32 9.47 -16.36
C THR A 334 9.07 8.66 -16.12
N PHE A 335 8.95 8.09 -14.93
CA PHE A 335 7.80 7.30 -14.57
C PHE A 335 6.53 8.15 -14.76
N ALA A 336 6.44 9.24 -14.02
CA ALA A 336 5.32 10.15 -14.05
C ALA A 336 5.01 10.71 -15.43
N ARG A 337 6.02 10.67 -16.29
CA ARG A 337 5.90 11.14 -17.65
C ARG A 337 5.15 10.07 -18.46
N GLU A 338 5.57 8.83 -18.26
CA GLU A 338 5.02 7.67 -18.95
C GLU A 338 3.75 7.07 -18.32
N MET A 339 3.51 7.31 -17.05
CA MET A 339 2.37 6.68 -16.42
C MET A 339 1.48 7.50 -15.52
N GLY A 340 1.63 8.82 -15.54
CA GLY A 340 0.79 9.64 -14.69
C GLY A 340 -0.38 10.31 -15.40
N GLU A 341 -1.56 9.70 -15.28
CA GLU A 341 -2.79 10.26 -15.84
C GLU A 341 -3.31 11.22 -14.76
N ALA A 342 -2.39 11.59 -13.85
CA ALA A 342 -2.63 12.47 -12.71
C ALA A 342 -1.41 13.38 -12.63
N ASN A 343 -1.56 14.43 -11.82
CA ASN A 343 -0.56 15.47 -11.59
C ASN A 343 -1.33 16.80 -11.50
PB ADP B . -8.04 9.51 -3.31
O1B ADP B . -8.03 9.83 -1.87
O2B ADP B . -6.68 9.53 -3.87
O3B ADP B . -8.65 8.18 -3.50
PA ADP B . -9.15 11.92 -4.19
O1A ADP B . -7.96 12.76 -3.89
O2A ADP B . -9.77 12.28 -5.49
O3A ADP B . -8.93 10.45 -4.04
O5' ADP B . -10.26 12.30 -3.09
C5' ADP B . -11.49 11.55 -2.93
C4' ADP B . -12.72 12.38 -3.35
O4' ADP B . -13.11 13.29 -2.26
C3' ADP B . -12.37 13.29 -4.51
O3' ADP B . -13.58 13.50 -5.26
C2' ADP B . -11.93 14.57 -3.87
O2' ADP B . -12.19 15.70 -4.71
C1' ADP B . -12.68 14.66 -2.56
N9 ADP B . -11.85 15.24 -1.46
C8 ADP B . -10.53 14.96 -1.15
N7 ADP B . -10.10 15.64 -0.13
C5 ADP B . -11.13 16.44 0.32
C6 ADP B . -11.27 17.37 1.36
N6 ADP B . -10.25 17.66 2.21
N1 ADP B . -12.47 17.97 1.50
C2 ADP B . -13.46 17.67 0.67
N3 ADP B . -13.47 16.81 -0.35
C4 ADP B . -12.26 16.19 -0.51
N1 5IU C . -7.21 -0.61 -6.91
C2 5IU C . -7.34 -1.98 -6.70
N3 5IU C . -6.23 -2.69 -6.32
C4 5IU C . -5.00 -2.13 -6.12
C5 5IU C . -4.86 -0.72 -6.33
C6 5IU C . -6.01 0.01 -6.76
O2 5IU C . -8.40 -2.57 -6.82
O4 5IU C . -4.03 -2.85 -5.75
I5 5IU C . -2.99 0.20 -6.03
C1' 5IU C . -8.41 0.18 -7.40
C2' 5IU C . -9.10 1.02 -6.33
C3' 5IU C . -9.56 2.21 -7.14
C4' 5IU C . -8.38 2.47 -8.01
O3' 5IU C . -10.66 1.94 -7.99
O4' 5IU C . -7.85 1.15 -8.31
C5' 5IU C . -7.28 3.34 -7.39
O5' 5IU C . -7.67 4.73 -7.39
P 5IU C . -7.47 5.71 -6.09
OP1 5IU C . -6.34 5.17 -5.28
OP2 5IU C . -8.71 5.72 -5.26
OP3 5IU C . -7.15 7.06 -6.51
#